data_5DJG
#
_entry.id   5DJG
#
_cell.length_a   40.665
_cell.length_b   58.060
_cell.length_c   101.220
_cell.angle_alpha   90.00
_cell.angle_beta   90.00
_cell.angle_gamma   90.00
#
_symmetry.space_group_name_H-M   'P 21 21 21'
#
loop_
_entity.id
_entity.type
_entity.pdbx_description
1 polymer "3'-phosphoadenosine 5'-phosphate phosphatase"
2 non-polymer 'MAGNESIUM ION'
3 non-polymer 'LITHIUM ION'
4 non-polymer "ADENOSINE-3'-5'-DIPHOSPHATE"
5 water water
#
_entity_poly.entity_id   1
_entity_poly.type   'polypeptide(L)'
_entity_poly.pdbx_seq_one_letter_code
;MGSSHHHHHHSSGLVPRGSHMVVSPAAPDLTDDLTDAELAADLAADAGKLLLQVRAEIGFDQPWTLGEAGDRQANSLLLR
RLQAERPGDAVLSEEAHDDLARLKSDRVWIIDPLDGTREFSTPGRDDWAVHIALWRRSSNGQPEITDAAVALPARGNVVY
RTDTVTSGAAPAGVPGTLRIAVSATRPPAVLHRIRQTLAIQPVSIGSAGAKAMAVIDGYVDAYLHAGGQWEWDSAAPAGV
MLAAGMHASRLDGSPLRYNQLDPYLPDLLMCRAEVAPILLGAIADAWR
;
_entity_poly.pdbx_strand_id   A
#
# COMPACT_ATOMS: atom_id res chain seq x y z
N HIS A 6 -1.54 -28.27 8.24
CA HIS A 6 -1.47 -28.95 6.95
C HIS A 6 -0.05 -29.35 6.58
N HIS A 7 0.11 -29.96 5.41
CA HIS A 7 1.42 -30.36 4.91
C HIS A 7 2.17 -29.12 4.44
N HIS A 8 3.49 -29.14 4.56
CA HIS A 8 4.30 -28.00 4.12
C HIS A 8 4.05 -27.74 2.64
N HIS A 9 3.94 -26.46 2.28
CA HIS A 9 3.64 -26.08 0.91
C HIS A 9 4.69 -26.61 -0.08
N HIS A 10 4.28 -26.76 -1.33
CA HIS A 10 5.17 -27.22 -2.39
C HIS A 10 6.05 -26.09 -2.91
N ASP A 32 5.27 -23.98 13.48
CA ASP A 32 4.38 -23.20 12.64
C ASP A 32 5.02 -22.87 11.28
N ASP A 33 4.34 -23.18 10.19
CA ASP A 33 4.89 -22.85 8.88
C ASP A 33 3.81 -22.53 7.85
N LEU A 34 3.95 -21.34 7.28
CA LEU A 34 2.98 -20.75 6.38
C LEU A 34 3.62 -20.51 5.01
N THR A 35 2.80 -20.48 3.97
CA THR A 35 3.25 -19.96 2.69
C THR A 35 3.65 -18.50 2.91
N ASP A 36 4.42 -17.93 1.98
CA ASP A 36 4.76 -16.52 2.05
C ASP A 36 3.50 -15.63 2.08
N ALA A 37 2.47 -16.00 1.32
CA ALA A 37 1.22 -15.22 1.32
C ALA A 37 0.45 -15.32 2.65
N GLU A 38 0.40 -16.51 3.22
CA GLU A 38 -0.20 -16.69 4.54
C GLU A 38 0.54 -15.86 5.57
N LEU A 39 1.87 -15.86 5.48
CA LEU A 39 2.70 -15.16 6.45
C LEU A 39 2.51 -13.64 6.30
N ALA A 40 2.47 -13.18 5.06
CA ALA A 40 2.18 -11.78 4.78
C ALA A 40 0.88 -11.40 5.47
N ALA A 41 -0.13 -12.25 5.30
CA ALA A 41 -1.45 -12.00 5.86
C ALA A 41 -1.42 -12.04 7.38
N ASP A 42 -0.68 -12.99 7.93
CA ASP A 42 -0.68 -13.12 9.37
C ASP A 42 0.12 -12.00 10.04
N LEU A 43 1.20 -11.54 9.40
CA LEU A 43 1.95 -10.39 9.92
C LEU A 43 1.10 -9.14 9.89
N ALA A 44 0.38 -8.95 8.80
CA ALA A 44 -0.46 -7.76 8.65
C ALA A 44 -1.55 -7.69 9.75
N ALA A 45 -2.19 -8.82 10.04
CA ALA A 45 -3.24 -8.89 11.05
C ALA A 45 -2.67 -8.63 12.46
N ASP A 46 -1.52 -9.23 12.72
CA ASP A 46 -0.91 -9.19 14.03
C ASP A 46 -0.44 -7.76 14.34
N ALA A 47 0.23 -7.13 13.37
CA ALA A 47 0.57 -5.72 13.51
C ALA A 47 -0.70 -4.87 13.62
N GLY A 48 -1.73 -5.23 12.87
CA GLY A 48 -3.03 -4.55 13.00
C GLY A 48 -3.60 -4.59 14.40
N LYS A 49 -3.60 -5.77 15.02
CA LYS A 49 -4.08 -5.89 16.39
C LYS A 49 -3.22 -5.07 17.35
N LEU A 50 -1.92 -5.06 17.13
CA LEU A 50 -1.04 -4.35 18.05
C LEU A 50 -1.31 -2.85 17.91
N LEU A 51 -1.49 -2.38 16.69
CA LEU A 51 -1.80 -0.97 16.49
C LEU A 51 -3.11 -0.59 17.16
N LEU A 52 -4.10 -1.48 17.08
CA LEU A 52 -5.38 -1.22 17.74
C LEU A 52 -5.21 -1.12 19.27
N GLN A 53 -4.30 -1.93 19.82
CA GLN A 53 -4.02 -1.91 21.25
C GLN A 53 -3.36 -0.61 21.64
N VAL A 54 -2.38 -0.20 20.82
CA VAL A 54 -1.66 1.05 21.06
C VAL A 54 -2.62 2.24 21.04
N ARG A 55 -3.52 2.25 20.09
CA ARG A 55 -4.53 3.31 20.01
C ARG A 55 -5.38 3.39 21.28
N ALA A 56 -5.86 2.24 21.75
CA ALA A 56 -6.72 2.21 22.93
C ALA A 56 -5.96 2.62 24.20
N GLU A 57 -4.70 2.23 24.27
CA GLU A 57 -3.86 2.47 25.44
C GLU A 57 -3.42 3.94 25.52
N ILE A 58 -2.89 4.49 24.42
CA ILE A 58 -2.32 5.84 24.46
C ILE A 58 -3.40 6.90 24.25
N GLY A 59 -4.37 6.59 23.41
CA GLY A 59 -5.45 7.51 23.13
C GLY A 59 -4.95 8.68 22.30
N PHE A 60 -5.83 9.67 22.09
CA PHE A 60 -5.64 10.69 21.06
C PHE A 60 -5.22 12.09 21.54
N ASP A 61 -4.98 12.26 22.83
CA ASP A 61 -4.71 13.59 23.38
C ASP A 61 -3.44 14.21 22.78
N GLN A 62 -2.46 13.36 22.49
CA GLN A 62 -1.20 13.78 21.90
C GLN A 62 -0.94 13.04 20.60
N PRO A 63 -1.46 13.55 19.46
CA PRO A 63 -1.38 12.78 18.22
C PRO A 63 0.03 12.43 17.83
N TRP A 64 1.02 13.28 18.13
CA TRP A 64 2.39 12.98 17.75
C TRP A 64 2.88 11.73 18.48
N THR A 65 2.65 11.70 19.78
CA THR A 65 3.02 10.59 20.65
C THR A 65 2.37 9.28 20.21
N LEU A 66 1.06 9.35 19.89
CA LEU A 66 0.34 8.19 19.41
C LEU A 66 0.92 7.65 18.11
N GLY A 67 1.16 8.54 17.14
CA GLY A 67 1.69 8.11 15.85
C GLY A 67 3.07 7.49 15.98
N GLU A 68 3.91 8.09 16.81
CA GLU A 68 5.27 7.59 17.01
C GLU A 68 5.26 6.18 17.58
N ALA A 69 4.49 5.98 18.64
CA ALA A 69 4.42 4.66 19.28
C ALA A 69 3.85 3.61 18.32
N GLY A 70 2.88 4.01 17.49
CA GLY A 70 2.31 3.13 16.50
C GLY A 70 3.36 2.67 15.50
N ASP A 71 4.05 3.63 14.89
CA ASP A 71 5.15 3.32 13.97
C ASP A 71 6.15 2.38 14.61
N ARG A 72 6.62 2.76 15.80
CA ARG A 72 7.72 2.05 16.44
C ARG A 72 7.32 0.67 16.94
N GLN A 73 6.15 0.54 17.54
CA GLN A 73 5.77 -0.76 18.08
C GLN A 73 5.40 -1.74 16.98
N ALA A 74 4.70 -1.28 15.95
CA ALA A 74 4.41 -2.16 14.83
C ALA A 74 5.70 -2.64 14.17
N ASN A 75 6.65 -1.74 13.98
CA ASN A 75 7.91 -2.11 13.36
C ASN A 75 8.64 -3.19 14.15
N SER A 76 8.68 -3.02 15.47
CA SER A 76 9.36 -3.96 16.35
CA SER A 76 9.36 -3.97 16.35
C SER A 76 8.79 -5.37 16.25
N LEU A 77 7.46 -5.47 16.24
CA LEU A 77 6.76 -6.73 16.10
C LEU A 77 7.10 -7.36 14.76
N LEU A 78 7.03 -6.56 13.70
CA LEU A 78 7.25 -7.11 12.37
C LEU A 78 8.68 -7.61 12.16
N LEU A 79 9.68 -6.86 12.61
CA LEU A 79 11.07 -7.29 12.47
C LEU A 79 11.36 -8.51 13.32
N ARG A 80 10.78 -8.57 14.52
CA ARG A 80 10.96 -9.75 15.37
C ARG A 80 10.44 -10.99 14.67
N ARG A 81 9.22 -10.91 14.16
CA ARG A 81 8.61 -12.08 13.53
C ARG A 81 9.29 -12.47 12.22
N LEU A 82 9.67 -11.49 11.39
CA LEU A 82 10.38 -11.81 10.15
C LEU A 82 11.75 -12.47 10.42
N GLN A 83 12.49 -11.98 11.39
CA GLN A 83 13.76 -12.62 11.75
C GLN A 83 13.55 -14.05 12.27
N ALA A 84 12.47 -14.29 12.99
CA ALA A 84 12.20 -15.61 13.54
C ALA A 84 11.66 -16.59 12.49
N GLU A 85 10.85 -16.10 11.57
CA GLU A 85 10.07 -16.96 10.71
C GLU A 85 10.57 -16.98 9.24
N ARG A 86 11.30 -15.95 8.86
CA ARG A 86 12.05 -15.93 7.61
C ARG A 86 13.44 -15.37 7.84
N PRO A 87 14.27 -16.06 8.64
CA PRO A 87 15.60 -15.53 8.97
C PRO A 87 16.52 -15.29 7.76
N GLY A 88 16.24 -15.90 6.62
CA GLY A 88 17.09 -15.72 5.46
C GLY A 88 16.70 -14.58 4.53
N ASP A 89 15.55 -13.98 4.80
CA ASP A 89 15.05 -12.94 3.90
C ASP A 89 15.51 -11.56 4.35
N ALA A 90 15.73 -10.68 3.38
CA ALA A 90 16.05 -9.30 3.69
C ALA A 90 14.78 -8.52 4.00
N VAL A 91 14.91 -7.40 4.73
CA VAL A 91 13.75 -6.57 5.05
C VAL A 91 14.04 -5.11 4.80
N LEU A 92 13.13 -4.46 4.09
CA LEU A 92 13.15 -3.01 3.94
C LEU A 92 11.92 -2.48 4.64
N SER A 93 12.14 -1.72 5.71
CA SER A 93 11.03 -1.16 6.47
C SER A 93 11.18 0.36 6.54
N GLU A 94 10.06 1.07 6.49
CA GLU A 94 10.10 2.52 6.68
C GLU A 94 10.78 2.89 8.00
N GLU A 95 10.58 2.05 9.02
CA GLU A 95 10.97 2.45 10.36
C GLU A 95 12.32 1.87 10.81
N ALA A 96 13.10 1.38 9.87
CA ALA A 96 14.40 0.82 10.22
C ALA A 96 15.46 1.33 9.26
N HIS A 97 16.69 1.44 9.76
CA HIS A 97 17.82 1.75 8.90
C HIS A 97 17.92 0.71 7.79
N ASP A 98 18.38 1.15 6.63
CA ASP A 98 18.47 0.34 5.41
C ASP A 98 19.95 0.04 5.12
N ASP A 99 20.42 -1.19 5.37
CA ASP A 99 21.86 -1.47 5.20
C ASP A 99 22.22 -1.89 3.77
N LEU A 100 21.22 -1.94 2.90
CA LEU A 100 21.37 -2.21 1.47
C LEU A 100 21.78 -3.65 1.10
N ALA A 101 21.83 -4.55 2.08
CA ALA A 101 22.11 -5.96 1.78
C ALA A 101 21.03 -6.58 0.90
N ARG A 102 19.81 -6.07 1.03
CA ARG A 102 18.68 -6.46 0.20
C ARG A 102 19.00 -6.41 -1.29
N LEU A 103 19.90 -5.52 -1.69
CA LEU A 103 20.29 -5.36 -3.09
C LEU A 103 20.88 -6.65 -3.67
N LYS A 104 21.44 -7.48 -2.78
CA LYS A 104 22.08 -8.74 -3.15
C LYS A 104 21.17 -9.96 -2.96
N SER A 105 20.00 -9.76 -2.35
CA SER A 105 19.12 -10.88 -2.02
C SER A 105 18.10 -11.15 -3.14
N ASP A 106 17.56 -12.36 -3.17
CA ASP A 106 16.49 -12.67 -4.11
C ASP A 106 15.13 -12.61 -3.42
N ARG A 107 15.12 -12.41 -2.10
CA ARG A 107 13.89 -12.32 -1.33
C ARG A 107 13.96 -11.15 -0.33
N VAL A 108 13.05 -10.18 -0.49
CA VAL A 108 13.04 -8.97 0.32
C VAL A 108 11.62 -8.62 0.76
N TRP A 109 11.40 -8.54 2.06
CA TRP A 109 10.13 -8.05 2.57
C TRP A 109 10.17 -6.54 2.55
N ILE A 110 9.16 -5.95 1.92
CA ILE A 110 9.03 -4.49 1.88
C ILE A 110 7.80 -4.10 2.69
N ILE A 111 8.03 -3.52 3.87
CA ILE A 111 6.94 -3.35 4.80
C ILE A 111 6.72 -1.91 5.25
N ASP A 112 5.46 -1.56 5.41
CA ASP A 112 5.07 -0.32 6.08
C ASP A 112 4.31 -0.71 7.34
N PRO A 113 4.96 -0.61 8.52
CA PRO A 113 4.33 -1.05 9.77
C PRO A 113 3.04 -0.27 10.07
N LEU A 114 2.99 0.97 9.61
CA LEU A 114 1.81 1.80 9.76
C LEU A 114 1.78 2.80 8.61
N ASP A 115 0.88 2.59 7.67
CA ASP A 115 0.68 3.54 6.60
C ASP A 115 -0.53 4.42 6.93
N GLY A 116 -0.34 5.73 6.87
CA GLY A 116 -1.41 6.65 7.26
C GLY A 116 -1.32 6.95 8.74
N THR A 117 -0.09 7.19 9.20
CA THR A 117 0.19 7.53 10.59
C THR A 117 -0.65 8.70 11.09
N ARG A 118 -0.81 9.69 10.22
CA ARG A 118 -1.65 10.84 10.54
C ARG A 118 -3.09 10.47 10.89
N GLU A 119 -3.71 9.65 10.04
CA GLU A 119 -5.09 9.24 10.24
C GLU A 119 -5.23 8.32 11.46
N PHE A 120 -4.29 7.40 11.62
CA PHE A 120 -4.22 6.54 12.82
C PHE A 120 -4.25 7.38 14.08
N SER A 121 -3.62 8.55 13.99
CA SER A 121 -3.42 9.42 15.16
C SER A 121 -4.61 10.32 15.42
N THR A 122 -5.63 10.17 14.58
CA THR A 122 -6.82 11.02 14.59
C THR A 122 -8.04 10.22 15.03
N PRO A 123 -8.80 10.73 16.01
CA PRO A 123 -9.94 9.98 16.53
C PRO A 123 -10.95 9.61 15.44
N GLY A 124 -11.42 8.37 15.46
CA GLY A 124 -12.54 7.99 14.61
C GLY A 124 -12.18 7.65 13.16
N ARG A 125 -10.91 7.76 12.80
CA ARG A 125 -10.54 7.53 11.40
C ARG A 125 -10.17 6.09 11.12
N ASP A 126 -10.61 5.57 9.98
CA ASP A 126 -10.32 4.17 9.64
C ASP A 126 -9.48 4.05 8.38
N ASP A 127 -8.99 5.18 7.87
CA ASP A 127 -8.16 5.14 6.67
C ASP A 127 -6.66 5.09 7.02
N TRP A 128 -6.25 3.94 7.54
CA TRP A 128 -4.84 3.66 7.80
C TRP A 128 -4.64 2.14 7.68
N ALA A 129 -3.40 1.72 7.48
CA ALA A 129 -3.16 0.37 7.02
C ALA A 129 -1.83 -0.20 7.49
N VAL A 130 -1.69 -1.51 7.36
CA VAL A 130 -0.40 -2.18 7.49
C VAL A 130 -0.07 -2.80 6.14
N HIS A 131 1.15 -2.59 5.65
CA HIS A 131 1.55 -3.10 4.34
C HIS A 131 2.64 -4.16 4.48
N ILE A 132 2.40 -5.37 3.97
CA ILE A 132 3.43 -6.42 4.04
C ILE A 132 3.59 -7.00 2.65
N ALA A 133 4.71 -6.70 2.00
CA ALA A 133 4.97 -7.18 0.64
C ALA A 133 6.21 -8.06 0.61
N LEU A 134 6.16 -9.15 -0.16
CA LEU A 134 7.36 -9.91 -0.46
C LEU A 134 7.79 -9.67 -1.90
N TRP A 135 8.98 -9.10 -2.07
CA TRP A 135 9.61 -8.93 -3.38
C TRP A 135 10.48 -10.14 -3.70
N ARG A 136 10.33 -10.73 -4.88
CA ARG A 136 11.24 -11.81 -5.30
C ARG A 136 11.82 -11.55 -6.67
N ARG A 137 13.14 -11.70 -6.81
CA ARG A 137 13.83 -11.32 -8.04
C ARG A 137 13.37 -12.12 -9.26
N SER A 138 13.25 -11.45 -10.40
CA SER A 138 12.92 -12.12 -11.66
C SER A 138 13.81 -11.63 -12.79
N PRO A 143 6.28 -9.09 -12.69
CA PRO A 143 5.71 -8.93 -11.35
C PRO A 143 6.65 -9.43 -10.26
N GLU A 144 7.33 -8.49 -9.61
CA GLU A 144 8.34 -8.81 -8.62
C GLU A 144 7.72 -8.95 -7.23
N ILE A 145 6.64 -8.22 -6.97
CA ILE A 145 5.89 -8.42 -5.73
C ILE A 145 5.02 -9.66 -5.88
N THR A 146 5.50 -10.78 -5.35
CA THR A 146 4.85 -12.06 -5.58
C THR A 146 3.75 -12.38 -4.57
N ASP A 147 3.88 -11.85 -3.36
CA ASP A 147 2.94 -12.13 -2.28
C ASP A 147 2.81 -10.88 -1.45
N ALA A 148 1.59 -10.56 -1.04
CA ALA A 148 1.38 -9.34 -0.27
C ALA A 148 0.08 -9.36 0.50
N ALA A 149 0.02 -8.51 1.51
CA ALA A 149 -1.19 -8.29 2.27
C ALA A 149 -1.29 -6.82 2.71
N VAL A 150 -2.51 -6.33 2.72
CA VAL A 150 -2.83 -5.01 3.26
C VAL A 150 -3.90 -5.15 4.34
N ALA A 151 -3.57 -4.80 5.58
CA ALA A 151 -4.60 -4.79 6.63
C ALA A 151 -5.15 -3.38 6.81
N LEU A 152 -6.46 -3.30 7.07
CA LEU A 152 -7.11 -2.06 7.47
C LEU A 152 -7.67 -2.29 8.86
N PRO A 153 -6.82 -2.16 9.89
CA PRO A 153 -7.17 -2.64 11.23
C PRO A 153 -8.47 -2.07 11.80
N ALA A 154 -8.78 -0.81 11.51
CA ALA A 154 -9.97 -0.21 12.10
C ALA A 154 -11.24 -0.69 11.37
N ARG A 155 -11.08 -1.33 10.21
CA ARG A 155 -12.23 -1.88 9.50
C ARG A 155 -12.36 -3.38 9.81
N GLY A 156 -12.62 -3.70 11.07
CA GLY A 156 -12.76 -5.08 11.50
C GLY A 156 -11.50 -5.89 11.33
N ASN A 157 -10.36 -5.20 11.23
CA ASN A 157 -9.06 -5.81 10.90
C ASN A 157 -9.13 -6.70 9.66
N VAL A 158 -9.87 -6.25 8.65
CA VAL A 158 -9.87 -6.96 7.39
C VAL A 158 -8.46 -6.99 6.80
N VAL A 159 -8.12 -8.11 6.17
CA VAL A 159 -6.81 -8.26 5.56
C VAL A 159 -6.99 -8.73 4.13
N TYR A 160 -6.60 -7.87 3.19
CA TYR A 160 -6.60 -8.20 1.76
C TYR A 160 -5.31 -8.93 1.47
N ARG A 161 -5.39 -10.02 0.71
CA ARG A 161 -4.20 -10.81 0.47
C ARG A 161 -4.16 -11.31 -0.96
N THR A 162 -2.96 -11.42 -1.50
CA THR A 162 -2.78 -11.81 -2.90
C THR A 162 -3.30 -13.21 -3.21
N ASP A 163 -3.42 -14.06 -2.19
CA ASP A 163 -3.82 -15.44 -2.45
C ASP A 163 -5.32 -15.67 -2.29
N THR A 164 -6.06 -14.67 -1.82
CA THR A 164 -7.51 -14.84 -1.70
C THR A 164 -8.34 -13.75 -2.37
N VAL A 165 -7.69 -12.68 -2.83
CA VAL A 165 -8.43 -11.64 -3.55
C VAL A 165 -8.89 -12.21 -4.90
N THR A 166 -10.11 -11.87 -5.33
CA THR A 166 -10.60 -12.39 -6.60
C THR A 166 -10.63 -11.27 -7.64
N SER A 167 -10.77 -11.64 -8.92
CA SER A 167 -10.72 -10.66 -10.00
C SER A 167 -12.10 -10.34 -10.57
N ALA A 172 -17.56 -2.69 -15.04
CA ALA A 172 -16.78 -2.54 -16.27
C ALA A 172 -17.50 -1.65 -17.28
N GLY A 173 -16.81 -1.29 -18.35
CA GLY A 173 -17.42 -0.48 -19.40
C GLY A 173 -16.91 0.95 -19.46
N VAL A 174 -17.59 1.77 -20.25
CA VAL A 174 -17.23 3.18 -20.41
C VAL A 174 -17.83 4.04 -19.31
N PRO A 175 -16.99 4.50 -18.36
CA PRO A 175 -17.46 5.28 -17.21
C PRO A 175 -17.44 6.77 -17.51
N GLY A 176 -18.61 7.35 -17.74
CA GLY A 176 -18.72 8.75 -18.10
C GLY A 176 -18.18 9.71 -17.05
N THR A 177 -18.16 9.26 -15.80
CA THR A 177 -17.60 10.05 -14.73
C THR A 177 -16.79 9.15 -13.78
N LEU A 178 -15.69 9.68 -13.27
CA LEU A 178 -14.74 8.89 -12.48
C LEU A 178 -14.60 9.40 -11.05
N ARG A 179 -14.62 8.47 -10.10
CA ARG A 179 -14.25 8.77 -8.72
C ARG A 179 -12.79 8.36 -8.54
N ILE A 180 -11.96 9.33 -8.15
CA ILE A 180 -10.53 9.05 -8.00
C ILE A 180 -10.07 9.37 -6.59
N ALA A 181 -9.58 8.35 -5.90
CA ALA A 181 -9.04 8.56 -4.57
C ALA A 181 -7.73 9.30 -4.67
N VAL A 182 -7.58 10.32 -3.84
CA VAL A 182 -6.34 11.08 -3.77
C VAL A 182 -6.04 11.41 -2.32
N SER A 183 -4.77 11.71 -2.03
CA SER A 183 -4.34 12.07 -0.69
C SER A 183 -5.16 13.22 -0.09
N ALA A 184 -5.54 13.06 1.17
CA ALA A 184 -6.27 14.09 1.91
C ALA A 184 -5.30 15.16 2.40
N THR A 185 -4.02 14.91 2.23
CA THR A 185 -3.01 15.83 2.73
C THR A 185 -2.25 16.49 1.60
N ARG A 186 -1.71 15.68 0.71
CA ARG A 186 -0.86 16.16 -0.37
C ARG A 186 -1.33 15.62 -1.72
N PRO A 187 -2.52 16.04 -2.18
CA PRO A 187 -3.00 15.55 -3.48
C PRO A 187 -2.15 16.09 -4.63
N PRO A 188 -2.07 15.34 -5.75
CA PRO A 188 -1.16 15.69 -6.86
C PRO A 188 -1.69 16.81 -7.73
N ALA A 189 -0.83 17.75 -8.09
CA ALA A 189 -1.25 18.90 -8.88
C ALA A 189 -1.72 18.52 -10.28
N VAL A 190 -1.22 17.41 -10.82
CA VAL A 190 -1.52 17.00 -12.20
C VAL A 190 -3.01 16.64 -12.35
N LEU A 191 -3.70 16.45 -11.24
CA LEU A 191 -5.12 16.16 -11.31
C LEU A 191 -5.88 17.34 -11.92
N HIS A 192 -5.48 18.55 -11.54
CA HIS A 192 -6.11 19.77 -12.06
CA HIS A 192 -6.13 19.74 -12.06
C HIS A 192 -6.10 19.79 -13.59
N ARG A 193 -4.97 19.43 -14.17
CA ARG A 193 -4.84 19.40 -15.62
C ARG A 193 -5.80 18.39 -16.26
N ILE A 194 -5.86 17.17 -15.73
CA ILE A 194 -6.60 16.13 -16.44
C ILE A 194 -8.10 16.32 -16.28
N ARG A 195 -8.50 16.99 -15.20
CA ARG A 195 -9.90 17.35 -14.98
C ARG A 195 -10.45 18.37 -15.97
N GLN A 196 -9.59 19.06 -16.71
CA GLN A 196 -10.08 19.96 -17.75
C GLN A 196 -10.82 19.16 -18.83
N THR A 197 -10.43 17.89 -19.00
CA THR A 197 -10.99 17.07 -20.08
C THR A 197 -11.76 15.82 -19.63
N LEU A 198 -11.53 15.35 -18.41
CA LEU A 198 -12.27 14.19 -17.92
C LEU A 198 -13.16 14.59 -16.76
N ALA A 199 -14.37 14.05 -16.69
CA ALA A 199 -15.23 14.32 -15.54
C ALA A 199 -14.76 13.44 -14.38
N ILE A 200 -14.32 14.10 -13.31
CA ILE A 200 -13.70 13.44 -12.18
C ILE A 200 -14.16 14.06 -10.87
N GLN A 201 -14.50 13.22 -9.90
CA GLN A 201 -14.68 13.69 -8.52
C GLN A 201 -13.61 13.11 -7.62
N PRO A 202 -12.72 13.96 -7.09
CA PRO A 202 -11.68 13.46 -6.21
C PRO A 202 -12.26 13.09 -4.85
N VAL A 203 -11.82 11.95 -4.34
CA VAL A 203 -12.29 11.46 -3.05
C VAL A 203 -11.12 11.50 -2.09
N SER A 204 -11.13 12.46 -1.17
CA SER A 204 -10.02 12.72 -0.26
C SER A 204 -9.98 11.73 0.88
N ILE A 205 -8.93 10.91 0.90
CA ILE A 205 -8.80 9.78 1.83
C ILE A 205 -7.35 9.68 2.28
N GLY A 206 -7.10 9.28 3.52
CA GLY A 206 -5.74 9.05 3.99
C GLY A 206 -5.30 7.65 3.61
N SER A 207 -3.98 7.45 3.56
CA SER A 207 -3.33 6.14 3.39
C SER A 207 -3.34 5.62 1.94
N ALA A 208 -2.16 5.21 1.48
CA ALA A 208 -2.01 4.58 0.17
C ALA A 208 -2.72 3.24 0.17
N GLY A 209 -2.54 2.48 1.24
CA GLY A 209 -3.23 1.21 1.38
C GLY A 209 -4.73 1.34 1.39
N ALA A 210 -5.25 2.27 2.18
CA ALA A 210 -6.69 2.47 2.23
C ALA A 210 -7.28 2.89 0.86
N LYS A 211 -6.56 3.76 0.16
CA LYS A 211 -7.04 4.24 -1.14
C LYS A 211 -7.01 3.14 -2.18
N ALA A 212 -5.98 2.31 -2.14
CA ALA A 212 -5.88 1.19 -3.08
C ALA A 212 -7.00 0.19 -2.84
N MET A 213 -7.28 -0.12 -1.58
CA MET A 213 -8.33 -1.10 -1.26
C MET A 213 -9.72 -0.53 -1.59
N ALA A 214 -9.86 0.79 -1.53
CA ALA A 214 -11.09 1.43 -2.02
C ALA A 214 -11.33 1.13 -3.51
N VAL A 215 -10.25 1.01 -4.28
CA VAL A 215 -10.36 0.65 -5.70
C VAL A 215 -10.84 -0.80 -5.80
N ILE A 216 -10.21 -1.68 -5.03
CA ILE A 216 -10.61 -3.09 -4.96
C ILE A 216 -12.07 -3.23 -4.56
N ASP A 217 -12.50 -2.44 -3.58
CA ASP A 217 -13.88 -2.46 -3.10
C ASP A 217 -14.90 -1.91 -4.11
N GLY A 218 -14.43 -1.04 -5.00
CA GLY A 218 -15.31 -0.37 -5.94
C GLY A 218 -15.87 0.93 -5.40
N TYR A 219 -15.29 1.42 -4.29
CA TYR A 219 -15.71 2.69 -3.72
C TYR A 219 -15.24 3.87 -4.57
N VAL A 220 -14.13 3.67 -5.27
CA VAL A 220 -13.60 4.60 -6.27
C VAL A 220 -13.18 3.81 -7.50
N ASP A 221 -12.96 4.51 -8.61
CA ASP A 221 -12.50 3.87 -9.85
C ASP A 221 -11.00 3.78 -9.95
N ALA A 222 -10.33 4.65 -9.21
CA ALA A 222 -8.90 4.80 -9.36
C ALA A 222 -8.30 5.47 -8.14
N TYR A 223 -7.01 5.26 -7.99
CA TYR A 223 -6.19 5.92 -7.00
C TYR A 223 -5.01 6.49 -7.76
N LEU A 224 -4.85 7.80 -7.68
CA LEU A 224 -3.79 8.49 -8.39
C LEU A 224 -2.92 9.27 -7.40
N HIS A 225 -1.60 9.13 -7.51
CA HIS A 225 -0.70 9.91 -6.67
C HIS A 225 0.51 10.40 -7.43
N ALA A 226 0.95 11.60 -7.11
CA ALA A 226 2.21 12.13 -7.61
C ALA A 226 2.81 13.00 -6.50
N GLY A 227 4.07 13.40 -6.66
CA GLY A 227 4.68 14.35 -5.74
C GLY A 227 5.56 13.75 -4.65
N GLY A 228 5.66 12.42 -4.62
CA GLY A 228 6.53 11.76 -3.64
C GLY A 228 5.86 10.62 -2.89
N GLN A 229 6.63 9.56 -2.65
CA GLN A 229 6.18 8.36 -1.92
C GLN A 229 7.36 7.40 -1.86
N TRP A 230 7.23 6.32 -1.09
CA TRP A 230 8.33 5.37 -0.94
C TRP A 230 7.85 3.98 -1.24
N GLU A 231 8.79 3.06 -1.51
CA GLU A 231 8.43 1.70 -1.90
C GLU A 231 7.45 1.02 -0.93
N TRP A 232 7.63 1.23 0.38
CA TRP A 232 6.76 0.56 1.36
C TRP A 232 5.33 1.08 1.32
N ASP A 233 5.15 2.32 0.89
CA ASP A 233 3.81 2.89 0.70
C ASP A 233 2.98 2.18 -0.38
N SER A 234 3.63 1.67 -1.42
CA SER A 234 2.89 1.13 -2.56
C SER A 234 3.10 -0.36 -2.85
N ALA A 235 4.14 -0.98 -2.30
CA ALA A 235 4.48 -2.35 -2.71
C ALA A 235 3.40 -3.37 -2.40
N ALA A 236 2.92 -3.39 -1.15
CA ALA A 236 1.87 -4.34 -0.80
C ALA A 236 0.57 -4.03 -1.54
N PRO A 237 0.14 -2.73 -1.56
CA PRO A 237 -1.05 -2.40 -2.37
C PRO A 237 -0.92 -2.76 -3.84
N ALA A 238 0.26 -2.56 -4.44
CA ALA A 238 0.50 -2.99 -5.81
C ALA A 238 0.32 -4.50 -6.02
N GLY A 239 0.92 -5.29 -5.13
CA GLY A 239 0.79 -6.74 -5.21
C GLY A 239 -0.65 -7.20 -5.20
N VAL A 240 -1.43 -6.64 -4.27
CA VAL A 240 -2.82 -6.99 -4.12
C VAL A 240 -3.64 -6.54 -5.34
N MET A 241 -3.35 -5.33 -5.83
CA MET A 241 -4.03 -4.77 -7.00
C MET A 241 -3.83 -5.66 -8.23
N LEU A 242 -2.58 -6.02 -8.49
CA LEU A 242 -2.25 -6.89 -9.60
C LEU A 242 -2.83 -8.30 -9.45
N ALA A 243 -2.86 -8.82 -8.23
CA ALA A 243 -3.43 -10.14 -7.98
C ALA A 243 -4.93 -10.12 -8.25
N ALA A 244 -5.55 -8.96 -8.12
CA ALA A 244 -6.97 -8.82 -8.35
C ALA A 244 -7.30 -8.60 -9.83
N GLY A 245 -6.30 -8.73 -10.70
CA GLY A 245 -6.46 -8.46 -12.11
C GLY A 245 -6.65 -7.00 -12.40
N MET A 246 -6.27 -6.14 -11.47
CA MET A 246 -6.42 -4.71 -11.70
C MET A 246 -5.11 -4.08 -12.20
N HIS A 247 -5.14 -2.77 -12.46
CA HIS A 247 -3.98 -2.11 -13.04
C HIS A 247 -3.14 -1.40 -11.98
N ALA A 248 -1.82 -1.54 -12.07
CA ALA A 248 -0.92 -0.80 -11.18
C ALA A 248 0.38 -0.49 -11.90
N SER A 249 0.67 0.80 -12.04
CA SER A 249 1.83 1.26 -12.80
C SER A 249 2.26 2.65 -12.35
N ARG A 250 3.37 3.12 -12.89
CA ARG A 250 3.76 4.52 -12.76
C ARG A 250 2.77 5.37 -13.55
N LEU A 251 2.73 6.67 -13.29
CA LEU A 251 1.80 7.55 -14.02
C LEU A 251 2.05 7.51 -15.51
N ASP A 252 3.28 7.21 -15.92
CA ASP A 252 3.63 7.19 -17.34
C ASP A 252 3.34 5.83 -17.96
N GLY A 253 2.81 4.90 -17.16
CA GLY A 253 2.43 3.60 -17.64
C GLY A 253 3.49 2.52 -17.46
N SER A 254 4.69 2.92 -17.06
CA SER A 254 5.78 1.97 -16.90
C SER A 254 5.62 1.22 -15.58
N PRO A 255 6.16 -0.01 -15.53
CA PRO A 255 5.99 -0.82 -14.30
C PRO A 255 6.55 -0.16 -13.04
N LEU A 256 5.87 -0.36 -11.92
CA LEU A 256 6.43 -0.05 -10.61
C LEU A 256 7.61 -0.97 -10.34
N ARG A 257 8.76 -0.41 -10.01
CA ARG A 257 9.96 -1.22 -9.75
C ARG A 257 10.37 -1.12 -8.29
N TYR A 258 10.67 -2.26 -7.67
CA TYR A 258 10.94 -2.32 -6.24
C TYR A 258 12.32 -2.86 -5.93
N ASN A 259 12.70 -2.78 -4.67
CA ASN A 259 14.06 -3.09 -4.22
C ASN A 259 15.11 -2.28 -4.97
N GLN A 260 14.81 -1.02 -5.22
CA GLN A 260 15.80 -0.13 -5.83
C GLN A 260 16.73 0.41 -4.74
N LEU A 261 17.92 0.83 -5.16
CA LEU A 261 18.88 1.46 -4.25
C LEU A 261 18.21 2.61 -3.49
N ASP A 262 17.58 3.48 -4.26
CA ASP A 262 16.82 4.59 -3.70
C ASP A 262 15.33 4.22 -3.71
N PRO A 263 14.77 3.96 -2.52
CA PRO A 263 13.43 3.38 -2.48
C PRO A 263 12.33 4.42 -2.65
N TYR A 264 12.70 5.61 -3.14
CA TYR A 264 11.77 6.69 -3.41
C TYR A 264 11.03 6.39 -4.70
N LEU A 265 9.71 6.46 -4.65
CA LEU A 265 8.86 6.03 -5.75
C LEU A 265 7.65 6.95 -5.73
N PRO A 266 7.73 8.05 -6.48
CA PRO A 266 6.92 9.26 -6.24
C PRO A 266 5.54 9.35 -6.89
N ASP A 267 5.20 8.44 -7.82
CA ASP A 267 3.89 8.51 -8.46
C ASP A 267 3.38 7.14 -8.86
N LEU A 268 2.06 7.01 -8.94
CA LEU A 268 1.45 5.74 -9.28
C LEU A 268 0.05 5.97 -9.84
N LEU A 269 -0.42 4.99 -10.58
CA LEU A 269 -1.83 4.88 -10.90
C LEU A 269 -2.25 3.46 -10.55
N MET A 270 -3.31 3.32 -9.76
CA MET A 270 -3.91 2.02 -9.48
C MET A 270 -5.40 2.12 -9.76
N CYS A 271 -5.92 1.25 -10.62
CA CYS A 271 -7.30 1.37 -11.07
C CYS A 271 -7.85 0.09 -11.72
N ARG A 272 -9.16 0.02 -11.92
CA ARG A 272 -9.76 -1.01 -12.78
C ARG A 272 -9.03 -1.02 -14.13
N ALA A 273 -8.87 -2.21 -14.71
CA ALA A 273 -8.20 -2.34 -15.99
C ALA A 273 -8.83 -1.46 -17.09
N GLU A 274 -10.15 -1.36 -17.09
CA GLU A 274 -10.87 -0.59 -18.11
C GLU A 274 -10.53 0.89 -18.12
N VAL A 275 -10.30 1.47 -16.94
CA VAL A 275 -10.10 2.90 -16.75
CA VAL A 275 -10.11 2.91 -16.89
C VAL A 275 -8.64 3.32 -17.06
N ALA A 276 -7.73 2.35 -17.02
CA ALA A 276 -6.31 2.66 -17.18
C ALA A 276 -5.95 3.36 -18.51
N PRO A 277 -6.45 2.87 -19.66
CA PRO A 277 -6.07 3.62 -20.88
C PRO A 277 -6.60 5.05 -20.90
N ILE A 278 -7.80 5.25 -20.37
CA ILE A 278 -8.41 6.58 -20.29
C ILE A 278 -7.54 7.51 -19.45
N LEU A 279 -7.17 7.04 -18.26
CA LEU A 279 -6.38 7.86 -17.35
C LEU A 279 -4.93 8.01 -17.79
N LEU A 280 -4.30 6.91 -18.24
CA LEU A 280 -2.92 6.99 -18.70
C LEU A 280 -2.83 7.91 -19.91
N GLY A 281 -3.84 7.85 -20.78
CA GLY A 281 -3.91 8.72 -21.93
C GLY A 281 -4.07 10.18 -21.53
N ALA A 282 -4.95 10.44 -20.56
CA ALA A 282 -5.19 11.81 -20.13
C ALA A 282 -3.94 12.39 -19.48
N ILE A 283 -3.24 11.55 -18.73
CA ILE A 283 -1.99 11.95 -18.09
C ILE A 283 -0.95 12.29 -19.15
N ALA A 284 -0.85 11.42 -20.15
CA ALA A 284 0.10 11.62 -21.24
C ALA A 284 -0.20 12.92 -21.97
N ASP A 285 -1.50 13.16 -22.23
CA ASP A 285 -1.94 14.34 -22.96
C ASP A 285 -1.76 15.63 -22.15
N ALA A 286 -1.57 15.48 -20.85
CA ALA A 286 -1.31 16.63 -19.99
C ALA A 286 0.08 17.19 -20.25
N TRP A 287 0.90 16.41 -20.96
CA TRP A 287 2.26 16.81 -21.28
C TRP A 287 2.35 17.44 -22.67
N ARG A 288 1.25 17.41 -23.40
CA ARG A 288 1.21 18.00 -24.74
C ARG A 288 1.26 19.53 -24.66
#